data_6L62
#
_entry.id   6L62
#
_cell.length_a   1.00
_cell.length_b   1.00
_cell.length_c   1.00
_cell.angle_alpha   90.00
_cell.angle_beta   90.00
_cell.angle_gamma   90.00
#
_symmetry.space_group_name_H-M   'P 1'
#
loop_
_entity.id
_entity.type
_entity.pdbx_description
1 polymer 'Light chain of Fab fragment'
2 polymer 'Heavy chain of Fab fragment'
3 polymer 'Capsid protein'
#
loop_
_entity_poly.entity_id
_entity_poly.type
_entity_poly.pdbx_seq_one_letter_code
_entity_poly.pdbx_strand_id
1 'polypeptide(L)'
;NIVMTQSPKSMSMSVGERVTLSCKASENVGTFVFWYQQKPEQSPQLLIYGASNRYTGVPDRFTGSGSATDFTLTINNVQA
EDFVDYYCGQSYRYPLTFAAGTKLGLKRADAAPTVSIFPPSSEQLTSGGASVVCFLNNFYPKDINVKWKIDGSERQNGVL
NSWTDQDSKDSTYSMSSTLTLTKDEYERHNSYTCEATHKTSTSPIVKSFNRN
;
L
2 'polypeptide(L)'
;QVQLQQSGAELVRPGVSVKISCKGSGYTFTDYAIHWVKQSHAKSLEWIGLISTYYGDATYNQNFKGEATMTVDKSSSTAY
MELARLTSEDSAIYYCARGPFSRYDYFAMDNWGQGTSVTVSSAKTTPPSVYPLAPGSAAQTNSMVTLGCLVKGYFPEPVT
VTWNSGSLSSGVHTFPAVLQSDLYTLSSSVTVPSSTWPSETVTCNVAHPASSTKVDKKIV
;
H
3 'polypeptide(L)'
;MTYPRRRFRRRRHRPRSHLGLILRRRPWLVHPRHRYRWRRKNGIFNTRLSCTFGYTVKATTVRTPSWAVDMMRFNINDFV
PPGGGTNKISIPFEYYRIRKVKVEFWPCSPITQGDRGVGSTAVILDDNFVTKATALTYDPYVNYSSRHTIPQPFSYHSRY
FTPKPVLDSTIDYFQPNNKRNQLWLRLQTSANVDHVGLGIAFENSTYDQDYNIRVTMYVQFREFNLKDPPL
;
A
#
# COMPACT_ATOMS: atom_id res chain seq x y z
N ASN A 1 -20.15 0.70 -11.65
CA ASN A 1 -18.76 0.25 -11.44
C ASN A 1 -18.47 -1.01 -12.18
N ILE A 2 -17.19 -1.23 -12.51
CA ILE A 2 -16.79 -2.40 -13.21
C ILE A 2 -16.42 -3.40 -12.17
N VAL A 3 -17.01 -4.60 -12.27
CA VAL A 3 -16.77 -5.61 -11.26
C VAL A 3 -15.65 -6.47 -11.71
N MET A 4 -14.70 -6.76 -10.80
CA MET A 4 -13.58 -7.59 -11.12
C MET A 4 -13.78 -8.87 -10.37
N THR A 5 -13.74 -10.01 -11.09
CA THR A 5 -13.91 -11.27 -10.41
C THR A 5 -12.64 -12.03 -10.59
N GLN A 6 -12.08 -12.56 -9.48
CA GLN A 6 -10.88 -13.34 -9.62
C GLN A 6 -11.22 -14.75 -9.28
N SER A 7 -10.55 -15.70 -9.96
CA SER A 7 -10.81 -17.08 -9.64
C SER A 7 -9.53 -17.84 -9.80
N PRO A 8 -9.31 -18.80 -8.95
CA PRO A 8 -10.19 -19.10 -7.87
C PRO A 8 -9.87 -18.22 -6.71
N LYS A 9 -10.72 -18.23 -5.66
CA LYS A 9 -10.48 -17.45 -4.47
C LYS A 9 -9.31 -18.01 -3.72
N SER A 10 -9.25 -19.35 -3.57
CA SER A 10 -8.15 -19.93 -2.85
C SER A 10 -7.61 -21.05 -3.69
N MET A 11 -6.27 -21.18 -3.74
CA MET A 11 -5.68 -22.18 -4.57
C MET A 11 -4.43 -22.69 -3.91
N SER A 12 -4.13 -23.99 -4.12
CA SER A 12 -2.96 -24.58 -3.54
C SER A 12 -2.13 -25.16 -4.63
N MET A 13 -0.79 -25.11 -4.50
CA MET A 13 0.03 -25.66 -5.53
C MET A 13 1.35 -26.03 -4.92
N SER A 14 1.95 -27.12 -5.43
CA SER A 14 3.23 -27.55 -4.95
C SER A 14 4.26 -26.72 -5.63
N VAL A 15 5.47 -26.63 -5.02
CA VAL A 15 6.54 -25.83 -5.54
C VAL A 15 7.00 -26.39 -6.85
N GLY A 16 7.39 -25.48 -7.78
CA GLY A 16 7.90 -25.86 -9.05
C GLY A 16 6.75 -25.97 -10.00
N GLU A 17 5.52 -25.90 -9.46
CA GLU A 17 4.34 -26.05 -10.27
C GLU A 17 4.11 -24.73 -10.97
N ARG A 18 3.48 -24.77 -12.16
CA ARG A 18 3.14 -23.53 -12.81
C ARG A 18 1.81 -23.13 -12.27
N VAL A 19 1.58 -21.83 -12.08
CA VAL A 19 0.28 -21.42 -11.58
C VAL A 19 -0.27 -20.31 -12.39
N THR A 20 -1.61 -20.34 -12.60
CA THR A 20 -2.27 -19.31 -13.34
C THR A 20 -3.52 -18.94 -12.59
N LEU A 21 -3.77 -17.62 -12.44
CA LEU A 21 -4.95 -17.14 -11.78
C LEU A 21 -5.57 -16.17 -12.74
N SER A 22 -6.91 -15.98 -12.66
CA SER A 22 -7.55 -15.13 -13.63
C SER A 22 -8.28 -14.01 -12.95
N CYS A 23 -8.55 -12.94 -13.73
CA CYS A 23 -9.29 -11.79 -13.28
C CYS A 23 -10.11 -11.34 -14.46
N LYS A 24 -11.45 -11.32 -14.31
CA LYS A 24 -12.32 -10.94 -15.40
C LYS A 24 -13.07 -9.72 -15.00
N ALA A 25 -13.28 -8.79 -15.95
CA ALA A 25 -13.99 -7.57 -15.67
C ALA A 25 -15.33 -7.65 -16.31
N SER A 26 -16.33 -6.98 -15.71
CA SER A 26 -17.66 -6.95 -16.23
C SER A 26 -17.66 -6.19 -17.53
N GLU A 27 -16.71 -5.24 -17.68
CA GLU A 27 -16.64 -4.44 -18.88
C GLU A 27 -15.19 -4.32 -19.23
N ASN A 28 -14.88 -3.99 -20.50
CA ASN A 28 -13.54 -3.92 -21.03
C ASN A 28 -12.80 -2.75 -20.44
N VAL A 29 -11.46 -2.90 -20.28
CA VAL A 29 -10.58 -1.89 -19.75
C VAL A 29 -9.28 -1.93 -20.51
N GLY A 30 -8.42 -0.89 -20.38
CA GLY A 30 -7.14 -0.80 -21.06
C GLY A 30 -6.02 -1.22 -20.11
N THR A 31 -4.74 -0.75 -20.35
CA THR A 31 -3.55 -0.99 -19.56
C THR A 31 -3.68 -0.27 -18.27
N PHE A 32 -4.91 -0.24 -17.72
CA PHE A 32 -5.16 0.28 -16.42
C PHE A 32 -5.56 -0.91 -15.61
N VAL A 33 -4.88 -2.05 -15.86
CA VAL A 33 -5.18 -3.23 -15.11
C VAL A 33 -3.92 -3.61 -14.43
N PHE A 34 -3.94 -3.68 -13.08
CA PHE A 34 -2.74 -3.99 -12.36
C PHE A 34 -2.98 -5.05 -11.34
N TRP A 35 -1.88 -5.71 -10.91
CA TRP A 35 -1.95 -6.77 -9.94
C TRP A 35 -1.12 -6.37 -8.76
N TYR A 36 -1.62 -6.72 -7.55
CA TYR A 36 -0.92 -6.39 -6.34
C TYR A 36 -0.69 -7.65 -5.56
N GLN A 37 0.45 -7.71 -4.84
CA GLN A 37 0.72 -8.85 -4.02
C GLN A 37 0.66 -8.40 -2.61
N GLN A 38 0.07 -9.22 -1.72
CA GLN A 38 0.02 -8.84 -0.35
C GLN A 38 0.31 -10.02 0.52
N LYS A 39 1.20 -9.81 1.51
CA LYS A 39 1.60 -10.79 2.48
C LYS A 39 0.92 -10.37 3.76
N PRO A 40 0.89 -11.24 4.73
CA PRO A 40 0.10 -11.08 5.93
C PRO A 40 0.05 -9.76 6.65
N GLU A 41 1.15 -9.17 7.14
CA GLU A 41 0.96 -7.94 7.86
C GLU A 41 1.65 -6.87 7.08
N GLN A 42 1.69 -7.02 5.76
CA GLN A 42 2.42 -6.05 4.99
C GLN A 42 1.43 -5.35 4.11
N SER A 43 1.85 -4.21 3.51
CA SER A 43 0.96 -3.46 2.65
C SER A 43 0.98 -4.08 1.29
N PRO A 44 -0.04 -3.80 0.52
CA PRO A 44 -0.14 -4.36 -0.80
C PRO A 44 0.98 -3.82 -1.64
N GLN A 45 1.52 -4.64 -2.56
CA GLN A 45 2.62 -4.20 -3.35
C GLN A 45 2.28 -4.38 -4.80
N LEU A 46 2.68 -3.40 -5.64
CA LEU A 46 2.37 -3.48 -7.04
C LEU A 46 3.24 -4.53 -7.68
N LEU A 47 2.65 -5.71 -8.03
CA LEU A 47 3.41 -6.72 -8.72
C LEU A 47 3.52 -6.53 -10.21
N ILE A 48 2.36 -6.43 -10.91
CA ILE A 48 2.41 -6.34 -12.35
C ILE A 48 1.57 -5.16 -12.73
N TYR A 49 2.08 -4.29 -13.63
CA TYR A 49 1.31 -3.13 -13.97
C TYR A 49 1.07 -3.10 -15.45
N GLY A 50 -0.12 -2.59 -15.86
CA GLY A 50 -0.39 -2.49 -17.26
C GLY A 50 -0.58 -3.84 -17.86
N ALA A 51 -1.05 -4.80 -17.03
CA ALA A 51 -1.41 -6.14 -17.42
C ALA A 51 -0.22 -7.03 -17.65
N SER A 52 0.95 -6.51 -18.06
CA SER A 52 1.99 -7.49 -18.30
C SER A 52 3.34 -6.95 -17.97
N ASN A 53 3.43 -5.81 -17.26
CA ASN A 53 4.73 -5.28 -16.96
C ASN A 53 5.04 -5.61 -15.53
N ARG A 54 6.29 -6.03 -15.30
CA ARG A 54 6.88 -6.59 -14.11
C ARG A 54 6.95 -5.72 -12.88
N TYR A 55 7.12 -4.41 -12.89
CA TYR A 55 7.28 -3.74 -11.61
C TYR A 55 8.62 -4.08 -11.01
N THR A 56 9.30 -3.07 -10.43
CA THR A 56 10.64 -3.26 -9.94
C THR A 56 10.66 -4.23 -8.79
N GLY A 57 11.65 -5.15 -8.82
CA GLY A 57 11.88 -6.10 -7.76
C GLY A 57 11.01 -7.32 -7.89
N VAL A 58 10.43 -7.59 -9.08
CA VAL A 58 9.58 -8.75 -9.21
C VAL A 58 10.32 -9.82 -9.96
N PRO A 59 10.22 -11.05 -9.51
CA PRO A 59 10.93 -12.14 -10.14
C PRO A 59 10.44 -12.47 -11.54
N ASP A 60 11.33 -13.07 -12.35
CA ASP A 60 11.13 -13.40 -13.73
C ASP A 60 10.05 -14.42 -13.90
N ARG A 61 9.85 -15.28 -12.88
CA ARG A 61 8.94 -16.39 -12.94
C ARG A 61 7.53 -15.91 -13.14
N PHE A 62 7.26 -14.63 -12.84
CA PHE A 62 5.94 -14.06 -12.95
C PHE A 62 5.69 -13.42 -14.29
N THR A 63 4.47 -13.64 -14.85
CA THR A 63 4.08 -13.02 -16.09
C THR A 63 2.62 -12.72 -16.01
N GLY A 64 2.13 -11.80 -16.87
CA GLY A 64 0.74 -11.47 -16.86
C GLY A 64 0.30 -11.32 -18.29
N SER A 65 -0.98 -11.65 -18.59
CA SER A 65 -1.42 -11.53 -19.94
C SER A 65 -2.85 -11.12 -19.96
N GLY A 66 -3.35 -10.69 -21.15
CA GLY A 66 -4.73 -10.38 -21.24
C GLY A 66 -4.95 -9.06 -21.92
N SER A 67 -6.24 -8.77 -22.19
CA SER A 67 -6.71 -7.55 -22.77
C SER A 67 -8.18 -7.66 -22.70
N ALA A 68 -8.93 -6.55 -22.90
CA ALA A 68 -10.35 -6.71 -22.89
C ALA A 68 -10.78 -6.95 -21.49
N THR A 69 -11.72 -7.90 -21.35
CA THR A 69 -12.29 -8.36 -20.11
C THR A 69 -11.44 -9.36 -19.37
N ASP A 70 -10.60 -10.17 -20.06
CA ASP A 70 -9.93 -11.23 -19.34
C ASP A 70 -8.46 -11.00 -19.17
N PHE A 71 -7.95 -11.28 -17.95
CA PHE A 71 -6.56 -11.12 -17.64
C PHE A 71 -6.14 -12.26 -16.78
N THR A 72 -4.83 -12.56 -16.74
CA THR A 72 -4.38 -13.63 -15.89
C THR A 72 -2.98 -13.33 -15.45
N LEU A 73 -2.58 -13.93 -14.32
CA LEU A 73 -1.25 -13.78 -13.81
C LEU A 73 -0.72 -15.18 -13.73
N THR A 74 0.53 -15.40 -14.20
CA THR A 74 1.03 -16.74 -14.18
C THR A 74 2.38 -16.80 -13.52
N ILE A 75 2.64 -17.93 -12.83
CA ILE A 75 3.90 -18.17 -12.20
C ILE A 75 4.43 -19.43 -12.83
N ASN A 76 5.60 -19.34 -13.49
CA ASN A 76 6.16 -20.47 -14.17
C ASN A 76 6.53 -21.54 -13.18
N ASN A 77 7.31 -21.17 -12.14
CA ASN A 77 7.72 -22.15 -11.16
C ASN A 77 7.41 -21.56 -9.83
N VAL A 78 6.50 -22.18 -9.06
CA VAL A 78 6.13 -21.60 -7.80
C VAL A 78 7.15 -21.90 -6.75
N GLN A 79 7.44 -20.88 -5.91
CA GLN A 79 8.36 -21.02 -4.83
C GLN A 79 7.61 -20.64 -3.59
N ALA A 80 8.22 -20.91 -2.41
CA ALA A 80 7.57 -20.69 -1.15
C ALA A 80 7.23 -19.23 -0.98
N GLU A 81 8.13 -18.34 -1.40
CA GLU A 81 7.98 -16.92 -1.21
C GLU A 81 6.76 -16.45 -1.95
N ASP A 82 6.34 -17.20 -2.98
CA ASP A 82 5.21 -16.86 -3.81
C ASP A 82 3.91 -16.89 -3.04
N PHE A 83 3.78 -17.75 -2.02
CA PHE A 83 2.58 -17.85 -1.24
C PHE A 83 2.19 -16.49 -0.77
N VAL A 84 1.02 -15.99 -1.21
CA VAL A 84 0.49 -14.69 -0.82
C VAL A 84 -0.90 -14.61 -1.37
N ASP A 85 -1.47 -13.37 -1.33
CA ASP A 85 -2.76 -13.09 -1.88
C ASP A 85 -2.53 -12.15 -3.02
N TYR A 86 -3.20 -12.36 -4.17
CA TYR A 86 -2.98 -11.51 -5.30
C TYR A 86 -4.27 -10.80 -5.64
N TYR A 87 -4.19 -9.47 -5.86
CA TYR A 87 -5.36 -8.69 -6.16
C TYR A 87 -5.18 -8.03 -7.50
N CYS A 88 -6.20 -8.09 -8.36
CA CYS A 88 -6.15 -7.37 -9.60
C CYS A 88 -6.91 -6.10 -9.34
N GLY A 89 -6.53 -5.01 -10.02
CA GLY A 89 -7.20 -3.75 -9.79
C GLY A 89 -7.33 -3.07 -11.11
N GLN A 90 -8.42 -2.28 -11.26
CA GLN A 90 -8.71 -1.60 -12.48
C GLN A 90 -8.82 -0.13 -12.19
N SER A 91 -7.87 0.65 -12.73
CA SER A 91 -7.80 2.09 -12.61
C SER A 91 -8.49 2.73 -13.79
N TYR A 92 -9.28 1.96 -14.56
CA TYR A 92 -9.90 2.48 -15.76
C TYR A 92 -11.01 3.46 -15.50
N ARG A 93 -12.00 3.10 -14.67
CA ARG A 93 -13.12 3.99 -14.48
C ARG A 93 -13.55 3.90 -13.05
N TYR A 94 -13.79 5.06 -12.41
CA TYR A 94 -14.15 5.08 -11.02
C TYR A 94 -15.61 4.75 -10.87
N PRO A 95 -15.97 4.20 -9.74
CA PRO A 95 -15.02 3.99 -8.68
C PRO A 95 -14.05 2.89 -9.03
N LEU A 96 -12.78 3.03 -8.63
CA LEU A 96 -11.80 2.03 -8.95
C LEU A 96 -12.13 0.83 -8.13
N THR A 97 -12.00 -0.36 -8.74
CA THR A 97 -12.40 -1.57 -8.07
C THR A 97 -11.23 -2.49 -7.92
N PHE A 98 -11.39 -3.49 -7.03
CA PHE A 98 -10.39 -4.49 -6.77
C PHE A 98 -11.09 -5.80 -6.84
N ALA A 99 -10.37 -6.87 -7.21
CA ALA A 99 -10.97 -8.16 -7.25
C ALA A 99 -10.94 -8.69 -5.84
N ALA A 100 -11.64 -9.82 -5.62
CA ALA A 100 -11.72 -10.48 -4.35
C ALA A 100 -10.34 -10.91 -3.96
N GLY A 101 -9.49 -11.18 -4.96
CA GLY A 101 -8.15 -11.60 -4.68
C GLY A 101 -8.11 -13.10 -4.68
N THR A 102 -6.92 -13.67 -4.93
CA THR A 102 -6.78 -15.09 -4.92
C THR A 102 -5.71 -15.42 -3.92
N LYS A 103 -6.03 -16.28 -2.93
CA LYS A 103 -5.04 -16.64 -1.96
C LYS A 103 -4.33 -17.84 -2.45
N LEU A 104 -2.98 -17.74 -2.57
CA LEU A 104 -2.23 -18.85 -3.07
C LEU A 104 -1.51 -19.47 -1.90
N GLY A 105 -1.76 -20.77 -1.65
CA GLY A 105 -1.17 -21.46 -0.53
C GLY A 105 -0.35 -22.59 -1.05
N LEU A 106 0.55 -23.12 -0.19
CA LEU A 106 1.41 -24.21 -0.58
C LEU A 106 0.72 -25.52 -0.33
N LYS A 107 0.68 -26.39 -1.36
CA LYS A 107 0.06 -27.68 -1.26
C LYS A 107 1.02 -28.63 -0.62
N ARG A 108 0.49 -29.63 0.13
CA ARG A 108 1.30 -30.62 0.76
C ARG A 108 0.47 -31.84 0.99
N ALA A 109 1.12 -32.92 1.48
CA ALA A 109 0.43 -34.16 1.72
C ALA A 109 -0.58 -33.93 2.80
N ASP A 110 -1.70 -34.67 2.75
CA ASP A 110 -2.75 -34.49 3.71
C ASP A 110 -2.22 -34.92 5.04
N ALA A 111 -2.77 -34.32 6.12
CA ALA A 111 -2.34 -34.70 7.44
C ALA A 111 -3.49 -34.52 8.38
N ALA A 112 -3.71 -35.51 9.28
CA ALA A 112 -4.77 -35.45 10.24
C ALA A 112 -4.39 -34.54 11.36
N PRO A 113 -5.37 -33.97 12.00
CA PRO A 113 -5.14 -33.08 13.11
C PRO A 113 -4.91 -33.82 14.40
N THR A 114 -4.06 -33.28 15.29
CA THR A 114 -3.88 -33.91 16.57
C THR A 114 -4.66 -33.09 17.55
N VAL A 115 -5.77 -33.68 18.06
CA VAL A 115 -6.70 -32.98 18.91
C VAL A 115 -6.30 -33.06 20.35
N SER A 116 -6.71 -32.05 21.14
CA SER A 116 -6.45 -32.01 22.55
C SER A 116 -7.55 -31.22 23.19
N ILE A 117 -8.21 -31.79 24.23
CA ILE A 117 -9.29 -31.11 24.88
C ILE A 117 -8.79 -30.68 26.23
N PHE A 118 -9.17 -29.47 26.69
CA PHE A 118 -8.70 -28.99 27.95
C PHE A 118 -9.87 -28.53 28.79
N PRO A 119 -9.92 -29.02 30.01
CA PRO A 119 -10.96 -28.64 30.93
C PRO A 119 -10.69 -27.26 31.46
N PRO A 120 -11.63 -26.67 32.16
CA PRO A 120 -11.48 -25.35 32.68
C PRO A 120 -10.41 -25.29 33.72
N SER A 121 -10.01 -24.07 34.15
CA SER A 121 -8.97 -23.92 35.12
C SER A 121 -9.58 -23.66 36.45
N SER A 122 -8.90 -24.12 37.51
CA SER A 122 -9.41 -23.91 38.83
C SER A 122 -9.49 -22.44 39.05
N GLU A 123 -8.43 -21.71 38.65
CA GLU A 123 -8.40 -20.29 38.84
C GLU A 123 -9.54 -19.69 38.10
N GLN A 124 -9.79 -20.18 36.87
CA GLN A 124 -10.86 -19.65 36.08
C GLN A 124 -12.17 -19.94 36.74
N LEU A 125 -12.31 -21.14 37.34
CA LEU A 125 -13.55 -21.49 37.96
C LEU A 125 -13.84 -20.57 39.11
N THR A 126 -12.79 -20.12 39.83
CA THR A 126 -13.03 -19.31 40.99
C THR A 126 -13.77 -18.08 40.58
N SER A 127 -13.45 -17.54 39.39
CA SER A 127 -14.09 -16.33 38.92
C SER A 127 -15.52 -16.61 38.57
N GLY A 128 -15.92 -17.89 38.42
CA GLY A 128 -17.29 -18.16 38.11
C GLY A 128 -17.46 -18.35 36.63
N GLY A 129 -16.36 -18.49 35.87
CA GLY A 129 -16.50 -18.71 34.45
C GLY A 129 -15.76 -19.97 34.14
N ALA A 130 -16.15 -20.65 33.03
CA ALA A 130 -15.46 -21.86 32.67
C ALA A 130 -15.32 -21.92 31.18
N SER A 131 -14.10 -22.24 30.69
CA SER A 131 -13.94 -22.33 29.27
C SER A 131 -13.22 -23.61 28.96
N VAL A 132 -13.78 -24.39 28.01
CA VAL A 132 -13.18 -25.62 27.62
C VAL A 132 -12.52 -25.35 26.31
N VAL A 133 -11.24 -25.72 26.17
CA VAL A 133 -10.52 -25.41 24.97
C VAL A 133 -10.12 -26.66 24.27
N CYS A 134 -10.21 -26.65 22.92
CA CYS A 134 -9.87 -27.79 22.13
C CYS A 134 -8.91 -27.34 21.07
N PHE A 135 -7.75 -28.02 20.95
CA PHE A 135 -6.78 -27.63 19.96
C PHE A 135 -6.72 -28.68 18.90
N LEU A 136 -6.77 -28.26 17.62
CA LEU A 136 -6.61 -29.17 16.52
C LEU A 136 -5.40 -28.66 15.81
N ASN A 137 -4.25 -29.35 15.95
CA ASN A 137 -3.05 -28.78 15.40
C ASN A 137 -2.52 -29.60 14.26
N ASN A 138 -1.69 -28.93 13.43
CA ASN A 138 -0.92 -29.47 12.34
C ASN A 138 -1.70 -30.40 11.45
N PHE A 139 -2.62 -29.87 10.62
CA PHE A 139 -3.35 -30.73 9.72
C PHE A 139 -3.48 -30.07 8.37
N TYR A 140 -3.85 -30.88 7.34
CA TYR A 140 -4.03 -30.37 6.00
C TYR A 140 -5.07 -31.25 5.37
N PRO A 141 -6.00 -30.76 4.58
CA PRO A 141 -6.15 -29.38 4.19
C PRO A 141 -6.72 -28.59 5.33
N LYS A 142 -6.95 -27.28 5.12
CA LYS A 142 -7.50 -26.42 6.12
C LYS A 142 -8.90 -26.84 6.47
N ASP A 143 -9.65 -27.38 5.49
CA ASP A 143 -11.03 -27.72 5.74
C ASP A 143 -11.12 -28.67 6.90
N ILE A 144 -11.94 -28.30 7.91
CA ILE A 144 -12.18 -29.12 9.06
C ILE A 144 -13.48 -28.67 9.67
N ASN A 145 -14.20 -29.59 10.35
CA ASN A 145 -15.44 -29.19 10.96
C ASN A 145 -15.42 -29.65 12.39
N VAL A 146 -15.56 -28.70 13.35
CA VAL A 146 -15.51 -29.08 14.73
C VAL A 146 -16.88 -28.91 15.32
N LYS A 147 -17.28 -29.83 16.22
CA LYS A 147 -18.52 -29.66 16.92
C LYS A 147 -18.30 -29.99 18.36
N TRP A 148 -19.11 -29.37 19.25
CA TRP A 148 -18.98 -29.59 20.65
C TRP A 148 -20.17 -30.35 21.13
N LYS A 149 -19.93 -31.39 21.96
CA LYS A 149 -21.05 -32.12 22.46
C LYS A 149 -20.97 -32.19 23.95
N ILE A 150 -22.03 -31.69 24.62
CA ILE A 150 -22.09 -31.71 26.06
C ILE A 150 -23.11 -32.76 26.40
N ASP A 151 -22.65 -33.89 26.95
CA ASP A 151 -23.55 -34.96 27.27
C ASP A 151 -24.26 -35.40 26.03
N GLY A 152 -23.53 -35.50 24.91
CA GLY A 152 -24.09 -36.05 23.70
C GLY A 152 -24.93 -35.02 23.02
N SER A 153 -25.10 -33.84 23.62
CA SER A 153 -25.92 -32.86 22.98
C SER A 153 -25.03 -31.86 22.32
N GLU A 154 -25.44 -31.39 21.13
CA GLU A 154 -24.65 -30.42 20.40
C GLU A 154 -24.79 -29.10 21.07
N ARG A 155 -23.66 -28.38 21.21
CA ARG A 155 -23.68 -27.07 21.81
C ARG A 155 -23.00 -26.12 20.87
N GLN A 156 -23.81 -25.25 20.24
CA GLN A 156 -23.40 -24.19 19.35
C GLN A 156 -23.08 -22.89 20.03
N ASN A 157 -23.72 -22.62 21.19
CA ASN A 157 -23.60 -21.31 21.79
C ASN A 157 -22.38 -21.18 22.65
N GLY A 158 -21.61 -20.09 22.44
CA GLY A 158 -20.45 -19.83 23.25
C GLY A 158 -19.20 -20.40 22.64
N VAL A 159 -19.22 -20.75 21.35
CA VAL A 159 -18.04 -21.34 20.76
C VAL A 159 -17.33 -20.31 19.93
N LEU A 160 -15.99 -20.20 20.11
CA LEU A 160 -15.21 -19.26 19.34
C LEU A 160 -14.05 -20.00 18.73
N ASN A 161 -13.93 -19.94 17.39
CA ASN A 161 -12.89 -20.69 16.72
C ASN A 161 -11.88 -19.72 16.19
N SER A 162 -10.62 -20.18 16.02
CA SER A 162 -9.59 -19.36 15.49
C SER A 162 -8.63 -20.25 14.76
N TRP A 163 -8.12 -19.77 13.60
CA TRP A 163 -7.22 -20.56 12.80
C TRP A 163 -5.98 -19.76 12.56
N THR A 164 -4.84 -20.47 12.44
CA THR A 164 -3.58 -19.85 12.16
C THR A 164 -3.35 -19.92 10.69
N ASP A 165 -2.29 -19.24 10.20
CA ASP A 165 -2.00 -19.27 8.80
C ASP A 165 -1.21 -20.51 8.52
N GLN A 166 -0.99 -20.82 7.24
CA GLN A 166 -0.27 -22.03 6.93
C GLN A 166 1.09 -21.89 7.56
N ASP A 167 1.54 -22.96 8.24
CA ASP A 167 2.79 -22.88 8.94
C ASP A 167 3.89 -22.62 7.97
N SER A 168 4.87 -21.81 8.39
CA SER A 168 5.96 -21.49 7.54
C SER A 168 6.80 -22.72 7.31
N LYS A 169 7.07 -23.49 8.39
CA LYS A 169 7.93 -24.63 8.23
C LYS A 169 7.27 -25.78 7.51
N ASP A 170 6.27 -26.40 8.19
CA ASP A 170 5.58 -27.58 7.74
C ASP A 170 4.43 -27.31 6.82
N SER A 171 3.98 -26.05 6.71
CA SER A 171 2.90 -25.71 5.84
C SER A 171 1.62 -26.38 6.27
N THR A 172 1.41 -26.55 7.59
CA THR A 172 0.19 -27.12 8.08
C THR A 172 -0.69 -26.03 8.62
N TYR A 173 -1.89 -26.41 9.12
CA TYR A 173 -2.83 -25.48 9.65
C TYR A 173 -3.15 -25.88 11.06
N SER A 174 -3.57 -24.90 11.89
CA SER A 174 -3.91 -25.19 13.25
C SER A 174 -5.16 -24.43 13.57
N MET A 175 -5.95 -24.95 14.54
CA MET A 175 -7.19 -24.34 14.91
C MET A 175 -7.40 -24.54 16.37
N SER A 176 -8.08 -23.57 17.02
CA SER A 176 -8.38 -23.66 18.41
C SER A 176 -9.84 -23.34 18.54
N SER A 177 -10.58 -24.10 19.39
CA SER A 177 -11.98 -23.82 19.54
C SER A 177 -12.25 -23.74 21.02
N THR A 178 -12.92 -22.66 21.46
CA THR A 178 -13.17 -22.50 22.88
C THR A 178 -14.65 -22.41 23.14
N LEU A 179 -15.11 -23.19 24.14
CA LEU A 179 -16.49 -23.17 24.53
C LEU A 179 -16.51 -22.55 25.90
N THR A 180 -17.25 -21.44 26.07
CA THR A 180 -17.25 -20.77 27.35
C THR A 180 -18.60 -20.86 27.99
N LEU A 181 -18.61 -21.28 29.26
CA LEU A 181 -19.81 -21.49 30.02
C LEU A 181 -19.60 -20.89 31.38
N THR A 182 -20.66 -20.91 32.22
CA THR A 182 -20.55 -20.39 33.55
C THR A 182 -20.16 -21.52 34.45
N LYS A 183 -19.77 -21.20 35.69
CA LYS A 183 -19.36 -22.19 36.61
C LYS A 183 -20.52 -23.12 36.83
N ASP A 184 -21.73 -22.54 36.94
CA ASP A 184 -22.91 -23.33 37.22
C ASP A 184 -23.27 -24.26 36.10
N GLU A 185 -23.51 -23.72 34.89
CA GLU A 185 -24.01 -24.52 33.81
C GLU A 185 -23.01 -25.56 33.46
N TYR A 186 -21.71 -25.27 33.67
CA TYR A 186 -20.65 -26.19 33.41
C TYR A 186 -20.67 -27.32 34.40
N GLU A 187 -20.92 -27.01 35.68
CA GLU A 187 -20.92 -27.98 36.73
C GLU A 187 -22.04 -28.94 36.55
N ARG A 188 -23.13 -28.50 35.89
CA ARG A 188 -24.30 -29.31 35.73
C ARG A 188 -24.09 -30.46 34.79
N HIS A 189 -23.11 -30.41 33.86
CA HIS A 189 -22.98 -31.48 32.89
C HIS A 189 -21.71 -32.26 33.11
N ASN A 190 -21.80 -33.59 32.84
CA ASN A 190 -20.72 -34.52 33.01
C ASN A 190 -19.72 -34.60 31.89
N SER A 191 -20.17 -34.78 30.62
CA SER A 191 -19.17 -35.04 29.61
C SER A 191 -19.14 -33.93 28.62
N TYR A 192 -17.90 -33.57 28.20
CA TYR A 192 -17.69 -32.54 27.23
C TYR A 192 -16.93 -33.13 26.11
N THR A 193 -17.40 -32.93 24.87
CA THR A 193 -16.77 -33.58 23.76
C THR A 193 -16.40 -32.61 22.67
N CYS A 194 -15.18 -32.79 22.11
CA CYS A 194 -14.70 -32.00 21.01
C CYS A 194 -14.63 -32.93 19.83
N GLU A 195 -15.50 -32.71 18.82
CA GLU A 195 -15.56 -33.61 17.68
C GLU A 195 -15.09 -32.89 16.45
N ALA A 196 -14.29 -33.57 15.60
CA ALA A 196 -13.84 -32.93 14.40
C ALA A 196 -13.75 -33.92 13.27
N THR A 197 -14.29 -33.54 12.09
CA THR A 197 -14.25 -34.37 10.92
C THR A 197 -13.32 -33.73 9.96
N HIS A 198 -12.40 -34.54 9.38
CA HIS A 198 -11.43 -34.01 8.47
C HIS A 198 -11.42 -34.94 7.29
N LYS A 199 -10.97 -34.43 6.12
CA LYS A 199 -10.94 -35.22 4.92
C LYS A 199 -10.13 -36.42 5.24
N THR A 200 -9.14 -36.24 6.13
CA THR A 200 -8.24 -37.29 6.50
C THR A 200 -9.02 -38.45 7.05
N SER A 201 -10.18 -38.23 7.70
CA SER A 201 -10.82 -39.41 8.20
C SER A 201 -12.30 -39.35 8.02
N THR A 202 -12.89 -40.53 7.73
CA THR A 202 -14.30 -40.75 7.58
C THR A 202 -14.93 -40.72 8.94
N SER A 203 -14.17 -41.20 9.96
CA SER A 203 -14.69 -41.28 11.29
C SER A 203 -14.24 -40.05 12.01
N PRO A 204 -15.19 -39.31 12.53
CA PRO A 204 -14.86 -38.09 13.19
C PRO A 204 -14.03 -38.33 14.41
N ILE A 205 -12.93 -37.57 14.55
CA ILE A 205 -12.05 -37.72 15.67
C ILE A 205 -12.68 -37.09 16.86
N VAL A 206 -12.61 -37.81 18.00
CA VAL A 206 -13.24 -37.27 19.17
C VAL A 206 -12.27 -37.28 20.33
N LYS A 207 -12.36 -36.24 21.17
CA LYS A 207 -11.59 -36.10 22.37
C LYS A 207 -12.55 -35.60 23.41
N SER A 208 -12.67 -36.32 24.54
CA SER A 208 -13.63 -35.89 25.52
C SER A 208 -13.06 -36.09 26.89
N PHE A 209 -13.81 -35.64 27.92
CA PHE A 209 -13.41 -35.82 29.28
C PHE A 209 -14.63 -35.71 30.14
N ASN A 210 -14.54 -36.27 31.36
CA ASN A 210 -15.62 -36.20 32.30
C ASN A 210 -15.11 -35.39 33.43
N ARG A 211 -16.00 -34.75 34.20
CA ARG A 211 -15.54 -33.90 35.25
C ARG A 211 -14.85 -34.76 36.26
N ASN A 212 -13.58 -34.41 36.57
CA ASN A 212 -12.73 -35.10 37.48
C ASN A 212 -12.93 -36.61 37.42
N GLN B 1 13.89 6.94 -3.27
CA GLN B 1 13.73 8.21 -2.53
C GLN B 1 12.28 8.50 -2.33
N VAL B 2 11.42 7.92 -3.18
CA VAL B 2 10.01 8.16 -3.08
C VAL B 2 9.47 7.39 -1.90
N GLN B 3 8.63 8.06 -1.08
CA GLN B 3 8.09 7.37 0.06
C GLN B 3 6.90 8.11 0.59
N LEU B 4 5.88 7.36 1.09
CA LEU B 4 4.71 7.95 1.68
C LEU B 4 4.64 7.52 3.11
N GLN B 5 4.66 8.48 4.06
CA GLN B 5 4.61 8.10 5.43
C GLN B 5 3.26 8.47 5.97
N GLN B 6 2.64 7.54 6.73
CA GLN B 6 1.32 7.78 7.26
C GLN B 6 1.41 7.96 8.74
N SER B 7 0.35 8.57 9.32
CA SER B 7 0.27 8.85 10.72
C SER B 7 0.20 7.55 11.47
N GLY B 8 0.37 7.61 12.80
CA GLY B 8 0.44 6.42 13.62
C GLY B 8 -0.90 5.79 13.83
N ALA B 9 -0.88 4.59 14.44
CA ALA B 9 -2.05 3.81 14.68
C ALA B 9 -2.97 4.60 15.56
N GLU B 10 -4.30 4.38 15.38
CA GLU B 10 -5.22 5.18 16.14
C GLU B 10 -6.21 4.32 16.83
N LEU B 11 -6.54 4.69 18.08
CA LEU B 11 -7.59 4.02 18.80
C LEU B 11 -8.56 5.11 19.14
N VAL B 12 -9.84 4.95 18.79
CA VAL B 12 -10.71 6.02 19.16
C VAL B 12 -12.02 5.44 19.57
N ARG B 13 -12.88 6.26 20.21
CA ARG B 13 -14.16 5.82 20.71
C ARG B 13 -15.17 6.04 19.64
N PRO B 14 -16.22 5.25 19.70
CA PRO B 14 -17.25 5.37 18.71
C PRO B 14 -17.97 6.68 18.83
N GLY B 15 -18.41 7.25 17.69
CA GLY B 15 -19.13 8.48 17.69
C GLY B 15 -18.18 9.61 17.43
N VAL B 16 -16.88 9.33 17.57
CA VAL B 16 -15.83 10.30 17.42
C VAL B 16 -15.47 10.38 15.97
N SER B 17 -14.54 11.29 15.65
CA SER B 17 -14.03 11.43 14.30
C SER B 17 -12.54 11.47 14.40
N VAL B 18 -11.83 11.20 13.27
CA VAL B 18 -10.39 11.23 13.29
C VAL B 18 -9.91 11.70 11.95
N LYS B 19 -8.64 12.20 11.90
CA LYS B 19 -8.10 12.69 10.67
C LYS B 19 -6.76 12.02 10.45
N ILE B 20 -6.66 11.23 9.37
CA ILE B 20 -5.46 10.49 9.04
C ILE B 20 -4.64 11.31 8.09
N SER B 21 -3.30 11.17 8.14
CA SER B 21 -2.45 11.93 7.28
C SER B 21 -1.51 11.02 6.53
N CYS B 22 -1.10 11.46 5.32
CA CYS B 22 -0.17 10.73 4.48
C CYS B 22 0.77 11.74 3.89
N LYS B 23 2.04 11.75 4.34
CA LYS B 23 2.98 12.75 3.88
C LYS B 23 3.90 12.13 2.86
N GLY B 24 3.93 12.71 1.64
CA GLY B 24 4.75 12.18 0.58
C GLY B 24 6.13 12.75 0.64
N SER B 25 7.13 11.92 0.23
CA SER B 25 8.48 12.38 0.23
C SER B 25 9.10 11.94 -1.06
N GLY B 26 10.04 12.77 -1.59
CA GLY B 26 10.75 12.40 -2.77
C GLY B 26 9.99 12.79 -3.99
N TYR B 27 8.73 13.25 -3.83
CA TYR B 27 8.02 13.68 -5.00
C TYR B 27 6.97 14.67 -4.60
N THR B 28 6.45 15.43 -5.58
CA THR B 28 5.44 16.41 -5.30
C THR B 28 4.11 15.82 -5.63
N PHE B 29 3.15 15.97 -4.68
CA PHE B 29 1.81 15.48 -4.74
C PHE B 29 1.02 16.19 -5.80
N THR B 30 1.40 17.43 -6.12
CA THR B 30 0.67 18.23 -7.07
C THR B 30 0.66 17.51 -8.39
N ASP B 31 1.76 16.81 -8.69
CA ASP B 31 2.00 16.10 -9.92
C ASP B 31 1.12 14.89 -10.09
N TYR B 32 0.47 14.37 -9.02
CA TYR B 32 -0.31 13.20 -9.38
C TYR B 32 -1.61 13.16 -8.63
N ALA B 33 -2.15 11.95 -8.42
CA ALA B 33 -3.41 11.75 -7.76
C ALA B 33 -3.16 10.97 -6.51
N ILE B 34 -3.88 11.34 -5.43
CA ILE B 34 -3.71 10.71 -4.15
C ILE B 34 -4.93 9.89 -3.89
N HIS B 35 -4.75 8.69 -3.32
CA HIS B 35 -5.87 7.83 -3.07
C HIS B 35 -5.78 7.28 -1.69
N TRP B 36 -6.95 6.92 -1.12
CA TRP B 36 -6.99 6.29 0.16
C TRP B 36 -7.74 5.02 -0.03
N VAL B 37 -7.20 3.92 0.52
CA VAL B 37 -7.82 2.63 0.37
C VAL B 37 -8.00 2.08 1.75
N LYS B 38 -9.11 1.33 1.94
CA LYS B 38 -9.42 0.76 3.22
C LYS B 38 -9.44 -0.73 3.06
N GLN B 39 -8.93 -1.46 4.08
CA GLN B 39 -9.02 -2.88 4.01
C GLN B 39 -9.44 -3.37 5.36
N SER B 40 -10.59 -4.09 5.41
CA SER B 40 -11.09 -4.59 6.65
C SER B 40 -10.31 -5.82 6.98
N HIS B 41 -10.37 -6.27 8.25
CA HIS B 41 -9.60 -7.42 8.60
C HIS B 41 -10.16 -8.61 7.89
N ALA B 42 -9.27 -9.36 7.21
CA ALA B 42 -9.58 -10.54 6.49
C ALA B 42 -10.51 -10.22 5.36
N LYS B 43 -10.65 -8.92 5.03
CA LYS B 43 -11.51 -8.57 3.95
C LYS B 43 -10.65 -8.10 2.81
N SER B 44 -11.29 -7.64 1.73
CA SER B 44 -10.61 -7.20 0.55
C SER B 44 -10.33 -5.73 0.63
N LEU B 45 -9.63 -5.22 -0.40
CA LEU B 45 -9.28 -3.83 -0.52
C LEU B 45 -10.46 -3.09 -1.04
N GLU B 46 -10.69 -1.86 -0.54
CA GLU B 46 -11.78 -1.03 -0.98
C GLU B 46 -11.24 0.35 -1.24
N TRP B 47 -11.48 0.88 -2.46
CA TRP B 47 -11.01 2.20 -2.79
C TRP B 47 -12.01 3.18 -2.24
N ILE B 48 -11.56 4.11 -1.37
CA ILE B 48 -12.39 5.14 -0.80
C ILE B 48 -12.57 6.38 -1.64
N GLY B 49 -11.47 7.01 -2.09
CA GLY B 49 -11.61 8.28 -2.77
C GLY B 49 -10.28 8.72 -3.32
N LEU B 50 -10.31 9.70 -4.26
CA LEU B 50 -9.10 10.20 -4.84
C LEU B 50 -9.20 11.70 -4.92
N ILE B 51 -8.05 12.40 -4.93
CA ILE B 51 -8.08 13.82 -5.03
C ILE B 51 -6.95 14.28 -5.91
N SER B 52 -7.15 15.44 -6.57
CA SER B 52 -6.10 16.02 -7.34
C SER B 52 -5.60 17.14 -6.51
N THR B 53 -4.37 17.01 -5.98
CA THR B 53 -3.85 17.99 -5.07
C THR B 53 -3.74 19.30 -5.77
N TYR B 54 -3.62 19.29 -7.12
CA TYR B 54 -3.52 20.54 -7.80
C TYR B 54 -4.81 21.33 -7.75
N TYR B 55 -5.92 20.75 -8.21
CA TYR B 55 -7.20 21.40 -8.25
C TYR B 55 -7.99 21.30 -6.97
N GLY B 56 -7.88 20.16 -6.27
CA GLY B 56 -8.69 19.94 -5.10
C GLY B 56 -9.87 19.12 -5.52
N ASP B 57 -9.94 18.75 -6.82
CA ASP B 57 -11.05 17.97 -7.28
C ASP B 57 -11.00 16.65 -6.57
N ALA B 58 -12.16 16.09 -6.23
CA ALA B 58 -12.14 14.85 -5.51
C ALA B 58 -13.19 13.93 -6.03
N THR B 59 -12.92 12.60 -5.96
CA THR B 59 -13.88 11.62 -6.36
C THR B 59 -14.06 10.71 -5.20
N TYR B 60 -15.29 10.21 -4.99
CA TYR B 60 -15.53 9.37 -3.85
C TYR B 60 -16.31 8.16 -4.29
N ASN B 61 -16.26 7.09 -3.48
CA ASN B 61 -17.09 5.95 -3.68
C ASN B 61 -18.35 6.35 -2.98
N GLN B 62 -19.52 6.04 -3.56
CA GLN B 62 -20.77 6.53 -3.04
C GLN B 62 -20.95 6.13 -1.61
N ASN B 63 -20.56 4.90 -1.24
CA ASN B 63 -20.80 4.40 0.08
C ASN B 63 -20.07 5.21 1.11
N PHE B 64 -18.87 5.68 0.78
CA PHE B 64 -18.03 6.49 1.64
C PHE B 64 -18.43 7.94 1.71
N LYS B 65 -19.21 8.44 0.73
CA LYS B 65 -19.41 9.84 0.47
C LYS B 65 -19.78 10.71 1.65
N GLY B 66 -20.68 10.34 2.55
CA GLY B 66 -20.92 11.24 3.65
C GLY B 66 -19.84 11.17 4.67
N GLU B 67 -19.38 9.94 4.93
CA GLU B 67 -18.51 9.55 5.99
C GLU B 67 -17.10 10.06 5.86
N ALA B 68 -16.52 10.04 4.64
CA ALA B 68 -15.13 10.39 4.56
C ALA B 68 -14.92 11.63 3.77
N THR B 69 -13.89 12.40 4.15
CA THR B 69 -13.57 13.58 3.39
C THR B 69 -12.09 13.54 3.12
N MET B 70 -11.70 13.75 1.85
CA MET B 70 -10.32 13.74 1.51
C MET B 70 -9.93 15.13 1.18
N THR B 71 -8.75 15.55 1.69
CA THR B 71 -8.25 16.86 1.46
C THR B 71 -6.77 16.73 1.26
N VAL B 72 -6.11 17.82 0.82
CA VAL B 72 -4.70 17.74 0.62
C VAL B 72 -4.10 19.10 0.80
N ASP B 73 -2.86 19.13 1.33
CA ASP B 73 -2.15 20.37 1.52
C ASP B 73 -0.87 20.24 0.77
N LYS B 74 -0.82 20.82 -0.44
CA LYS B 74 0.29 20.78 -1.34
C LYS B 74 1.48 21.41 -0.68
N SER B 75 1.26 22.49 0.09
CA SER B 75 2.37 23.18 0.68
C SER B 75 3.11 22.22 1.55
N SER B 76 2.39 21.50 2.42
CA SER B 76 2.95 20.53 3.32
C SER B 76 3.18 19.24 2.59
N SER B 77 2.73 19.15 1.32
CA SER B 77 2.84 17.95 0.54
C SER B 77 2.22 16.83 1.30
N THR B 78 0.99 17.04 1.82
CA THR B 78 0.36 16.00 2.58
C THR B 78 -1.08 15.85 2.16
N ALA B 79 -1.60 14.61 2.30
CA ALA B 79 -2.97 14.30 1.98
C ALA B 79 -3.61 13.77 3.22
N TYR B 80 -4.89 14.13 3.46
CA TYR B 80 -5.53 13.70 4.68
C TYR B 80 -6.80 13.00 4.35
N MET B 81 -7.27 12.15 5.30
CA MET B 81 -8.52 11.47 5.18
C MET B 81 -9.23 11.67 6.48
N GLU B 82 -10.46 12.21 6.46
CA GLU B 82 -11.14 12.38 7.71
C GLU B 82 -12.33 11.48 7.75
N LEU B 83 -12.52 10.79 8.90
CA LEU B 83 -13.65 9.93 9.04
C LEU B 83 -14.47 10.44 10.19
N ALA B 84 -15.81 10.44 10.04
CA ALA B 84 -16.66 10.98 11.07
C ALA B 84 -17.63 9.92 11.51
N ARG B 85 -18.24 10.13 12.69
CA ARG B 85 -19.24 9.25 13.24
C ARG B 85 -18.74 7.83 13.17
N LEU B 86 -17.58 7.58 13.79
CA LEU B 86 -16.93 6.30 13.75
C LEU B 86 -17.78 5.23 14.37
N THR B 87 -17.65 4.00 13.81
CA THR B 87 -18.32 2.80 14.24
C THR B 87 -17.31 1.70 14.12
N SER B 88 -17.66 0.49 14.59
CA SER B 88 -16.75 -0.62 14.56
C SER B 88 -16.46 -1.02 13.13
N GLU B 89 -17.40 -0.72 12.23
CA GLU B 89 -17.33 -1.06 10.83
C GLU B 89 -16.15 -0.36 10.24
N ASP B 90 -15.82 0.83 10.78
CA ASP B 90 -14.75 1.68 10.38
C ASP B 90 -13.42 1.08 10.71
N SER B 91 -13.36 0.17 11.71
CA SER B 91 -12.08 -0.38 12.06
C SER B 91 -11.53 -1.10 10.86
N ALA B 92 -10.25 -0.81 10.53
CA ALA B 92 -9.61 -1.42 9.41
C ALA B 92 -8.30 -0.72 9.21
N ILE B 93 -7.53 -1.11 8.17
CA ILE B 93 -6.27 -0.50 7.91
C ILE B 93 -6.48 0.43 6.76
N TYR B 94 -5.88 1.64 6.82
CA TYR B 94 -6.08 2.59 5.77
C TYR B 94 -4.78 2.84 5.09
N TYR B 95 -4.81 2.80 3.76
CA TYR B 95 -3.62 2.97 2.99
C TYR B 95 -3.81 4.19 2.15
N CYS B 96 -2.73 4.98 1.95
CA CYS B 96 -2.80 6.09 1.06
C CYS B 96 -1.95 5.67 -0.10
N ALA B 97 -2.36 6.03 -1.33
CA ALA B 97 -1.56 5.59 -2.44
C ALA B 97 -1.45 6.70 -3.43
N ARG B 98 -0.31 6.75 -4.11
CA ARG B 98 -0.07 7.79 -5.12
C ARG B 98 0.74 7.24 -6.28
N GLY B 99 1.57 8.09 -6.87
CA GLY B 99 2.41 7.69 -7.99
C GLY B 99 3.78 8.33 -7.94
N PRO B 100 4.40 8.50 -9.12
CA PRO B 100 5.72 9.11 -9.27
C PRO B 100 5.66 10.64 -9.36
N PHE B 101 6.15 11.20 -10.47
CA PHE B 101 6.15 12.64 -10.66
C PHE B 101 6.11 13.05 -12.13
N SER B 102 5.07 12.63 -12.83
CA SER B 102 4.88 12.95 -14.25
C SER B 102 6.08 12.65 -15.13
N ARG B 103 6.33 13.51 -16.11
CA ARG B 103 7.44 13.38 -17.06
C ARG B 103 7.52 11.97 -17.66
N TYR B 104 6.40 11.25 -17.56
CA TYR B 104 6.32 9.88 -18.05
C TYR B 104 6.87 8.90 -17.02
N ASP B 105 6.19 8.78 -15.90
CA ASP B 105 6.61 7.87 -14.83
C ASP B 105 5.55 6.81 -14.58
N TYR B 106 4.30 7.15 -14.87
CA TYR B 106 3.18 6.24 -14.69
C TYR B 106 3.63 4.84 -14.27
N PHE B 107 4.48 4.78 -13.25
CA PHE B 107 5.00 3.50 -12.76
C PHE B 107 5.55 3.64 -11.34
N ALA B 108 6.87 3.51 -11.21
CA ALA B 108 7.55 3.61 -9.93
C ALA B 108 6.89 2.74 -8.85
N MET B 109 6.73 1.46 -9.17
CA MET B 109 6.12 0.50 -8.25
C MET B 109 4.80 1.01 -7.68
N ASP B 110 4.77 1.20 -6.36
CA ASP B 110 3.58 1.68 -5.68
C ASP B 110 3.94 2.26 -4.31
N ASN B 111 3.06 3.10 -3.77
CA ASN B 111 3.30 3.71 -2.47
C ASN B 111 2.07 3.70 -1.56
N TRP B 112 1.33 2.60 -1.57
CA TRP B 112 0.14 2.47 -0.73
C TRP B 112 0.47 2.73 0.74
N GLY B 113 1.50 3.53 0.98
CA GLY B 113 1.91 3.83 2.32
C GLY B 113 1.93 2.57 3.12
N GLN B 114 2.50 2.66 4.33
CA GLN B 114 2.64 1.60 5.28
C GLN B 114 1.26 1.17 5.72
N GLY B 115 0.34 2.15 5.82
CA GLY B 115 -0.99 1.86 6.27
C GLY B 115 -1.11 2.32 7.68
N THR B 116 -2.34 2.66 8.10
CA THR B 116 -2.56 3.08 9.46
C THR B 116 -3.69 2.27 10.00
N SER B 117 -3.50 1.67 11.19
CA SER B 117 -4.56 0.89 11.74
C SER B 117 -5.47 1.81 12.49
N VAL B 118 -6.80 1.57 12.34
CA VAL B 118 -7.74 2.35 13.09
C VAL B 118 -8.61 1.38 13.82
N THR B 119 -8.69 1.54 15.16
CA THR B 119 -9.50 0.62 15.93
C THR B 119 -10.53 1.44 16.63
N VAL B 120 -11.82 1.05 16.51
CA VAL B 120 -12.86 1.80 17.15
C VAL B 120 -13.42 0.95 18.25
N SER B 121 -13.23 1.39 19.51
CA SER B 121 -13.73 0.61 20.61
C SER B 121 -14.01 1.54 21.76
N SER B 122 -15.03 1.18 22.56
CA SER B 122 -15.41 1.88 23.75
C SER B 122 -14.62 1.35 24.92
N ALA B 123 -13.94 0.21 24.72
CA ALA B 123 -13.28 -0.51 25.78
C ALA B 123 -12.11 0.24 26.34
N LYS B 124 -11.77 -0.06 27.61
CA LYS B 124 -10.67 0.55 28.30
C LYS B 124 -9.59 -0.47 28.37
N THR B 125 -8.33 -0.04 28.63
CA THR B 125 -7.28 -1.01 28.71
C THR B 125 -7.59 -1.95 29.82
N THR B 126 -7.49 -3.26 29.52
CA THR B 126 -7.77 -4.24 30.52
C THR B 126 -6.71 -5.29 30.40
N PRO B 127 -6.08 -5.63 31.50
CA PRO B 127 -5.06 -6.63 31.55
C PRO B 127 -5.66 -7.97 31.29
N PRO B 128 -4.92 -8.86 30.70
CA PRO B 128 -5.42 -10.16 30.37
C PRO B 128 -5.52 -11.08 31.56
N SER B 129 -6.52 -11.98 31.57
CA SER B 129 -6.62 -12.93 32.62
C SER B 129 -6.01 -14.17 32.03
N VAL B 130 -4.92 -14.67 32.65
CA VAL B 130 -4.24 -15.79 32.06
C VAL B 130 -4.58 -17.02 32.83
N TYR B 131 -5.05 -18.08 32.13
CA TYR B 131 -5.42 -19.31 32.78
C TYR B 131 -4.60 -20.42 32.16
N PRO B 132 -3.97 -21.22 32.97
CA PRO B 132 -3.16 -22.32 32.48
C PRO B 132 -4.00 -23.46 32.00
N LEU B 133 -3.56 -24.16 30.94
CA LEU B 133 -4.33 -25.27 30.44
C LEU B 133 -3.52 -26.52 30.60
N ALA B 134 -3.99 -27.47 31.44
CA ALA B 134 -3.26 -28.69 31.68
C ALA B 134 -4.13 -29.84 31.26
N PRO B 135 -3.50 -30.91 30.82
CA PRO B 135 -4.20 -32.07 30.37
C PRO B 135 -4.88 -32.85 31.46
N GLY B 136 -6.07 -33.36 31.10
CA GLY B 136 -7.04 -34.11 31.84
C GLY B 136 -6.49 -35.45 32.23
N SER B 137 -5.25 -35.76 31.81
CA SER B 137 -4.74 -37.08 32.00
C SER B 137 -5.45 -38.03 31.11
N ALA B 138 -5.13 -37.88 29.80
CA ALA B 138 -5.56 -38.76 28.75
C ALA B 138 -4.44 -38.78 27.74
N ALA B 139 -4.25 -39.93 27.05
CA ALA B 139 -3.16 -39.97 26.12
C ALA B 139 -3.63 -39.29 24.86
N GLN B 140 -3.30 -37.98 24.74
CA GLN B 140 -3.71 -37.20 23.61
C GLN B 140 -3.01 -37.64 22.36
N THR B 141 -1.68 -37.85 22.48
CA THR B 141 -0.87 -38.29 21.38
C THR B 141 0.03 -39.27 22.04
N ASN B 142 0.46 -40.33 21.31
CA ASN B 142 1.05 -41.51 21.87
C ASN B 142 2.01 -41.18 22.97
N SER B 143 3.19 -40.63 22.64
CA SER B 143 4.05 -40.24 23.71
C SER B 143 3.82 -38.82 24.14
N MET B 144 4.07 -37.90 23.20
CA MET B 144 4.17 -36.49 23.45
C MET B 144 2.91 -35.93 24.02
N VAL B 145 3.02 -34.70 24.57
CA VAL B 145 1.89 -34.04 25.16
C VAL B 145 1.81 -32.61 24.70
N THR B 146 0.62 -31.99 24.84
CA THR B 146 0.46 -30.60 24.48
C THR B 146 -0.13 -29.84 25.63
N LEU B 147 0.43 -28.64 25.88
CA LEU B 147 -0.06 -27.79 26.92
C LEU B 147 -0.61 -26.54 26.28
N GLY B 148 -1.31 -25.71 27.07
CA GLY B 148 -1.86 -24.51 26.51
C GLY B 148 -2.04 -23.47 27.58
N CYS B 149 -2.28 -22.21 27.14
CA CYS B 149 -2.53 -21.12 28.03
C CYS B 149 -3.62 -20.30 27.42
N LEU B 150 -4.59 -19.85 28.26
CA LEU B 150 -5.69 -19.07 27.75
C LEU B 150 -5.55 -17.66 28.23
N VAL B 151 -5.50 -16.70 27.28
CA VAL B 151 -5.38 -15.30 27.61
C VAL B 151 -6.72 -14.69 27.32
N LYS B 152 -7.47 -14.29 28.38
CA LYS B 152 -8.81 -13.87 28.12
C LYS B 152 -9.05 -12.46 28.59
N GLY B 153 -9.99 -11.78 27.90
CA GLY B 153 -10.50 -10.49 28.30
C GLY B 153 -9.43 -9.43 28.40
N TYR B 154 -8.69 -9.13 27.30
CA TYR B 154 -7.70 -8.08 27.39
C TYR B 154 -7.93 -7.07 26.31
N PHE B 155 -7.37 -5.85 26.47
CA PHE B 155 -7.54 -4.84 25.47
C PHE B 155 -6.54 -3.75 25.75
N PRO B 156 -5.95 -3.14 24.75
CA PRO B 156 -6.13 -3.48 23.36
C PRO B 156 -5.10 -4.49 22.96
N GLU B 157 -5.11 -4.95 21.70
CA GLU B 157 -4.06 -5.86 21.32
C GLU B 157 -2.82 -5.04 21.19
N PRO B 158 -1.63 -5.63 21.11
CA PRO B 158 -1.41 -7.06 21.17
C PRO B 158 -0.91 -7.52 22.51
N VAL B 159 -0.59 -8.83 22.61
CA VAL B 159 -0.01 -9.43 23.79
C VAL B 159 1.09 -10.35 23.33
N THR B 160 2.07 -10.65 24.20
CA THR B 160 3.16 -11.50 23.80
C THR B 160 3.11 -12.75 24.63
N VAL B 161 3.08 -13.93 23.98
CA VAL B 161 3.03 -15.16 24.71
C VAL B 161 4.26 -15.96 24.41
N THR B 162 5.09 -16.16 25.44
CA THR B 162 6.32 -16.89 25.31
C THR B 162 6.27 -18.03 26.26
N TRP B 163 7.02 -19.09 25.97
CA TRP B 163 7.00 -20.22 26.85
C TRP B 163 8.37 -20.36 27.44
N ASN B 164 8.44 -20.46 28.79
CA ASN B 164 9.68 -20.56 29.47
C ASN B 164 10.52 -19.36 29.15
N SER B 165 9.85 -18.21 28.97
CA SER B 165 10.51 -16.97 28.73
C SER B 165 11.26 -17.01 27.43
N GLY B 166 10.99 -18.00 26.56
CA GLY B 166 11.69 -18.04 25.31
C GLY B 166 12.42 -19.33 25.13
N SER B 167 12.72 -20.05 26.22
CA SER B 167 13.46 -21.27 26.08
C SER B 167 12.65 -22.19 25.21
N LEU B 168 11.30 -22.07 25.27
CA LEU B 168 10.51 -22.94 24.45
C LEU B 168 9.89 -22.16 23.34
N SER B 169 10.44 -22.30 22.12
CA SER B 169 9.86 -21.64 20.99
C SER B 169 9.75 -22.66 19.90
N SER B 170 9.45 -23.92 20.27
CA SER B 170 9.31 -24.92 19.27
C SER B 170 7.99 -25.59 19.50
N GLY B 171 7.26 -25.86 18.41
CA GLY B 171 6.00 -26.54 18.52
C GLY B 171 5.02 -25.63 19.19
N VAL B 172 5.19 -24.30 19.02
CA VAL B 172 4.30 -23.38 19.66
C VAL B 172 3.31 -22.88 18.65
N HIS B 173 2.03 -22.76 19.06
CA HIS B 173 1.04 -22.23 18.17
C HIS B 173 0.21 -21.24 18.92
N THR B 174 0.33 -19.94 18.56
CA THR B 174 -0.44 -18.92 19.19
C THR B 174 -1.48 -18.52 18.20
N PHE B 175 -2.77 -18.63 18.60
CA PHE B 175 -3.85 -18.35 17.70
C PHE B 175 -4.21 -16.90 17.74
N PRO B 176 -4.60 -16.38 16.61
CA PRO B 176 -4.96 -15.00 16.46
C PRO B 176 -6.06 -14.65 17.41
N ALA B 177 -6.06 -13.42 17.94
CA ALA B 177 -7.02 -12.98 18.91
C ALA B 177 -8.37 -12.87 18.26
N VAL B 178 -9.44 -13.09 19.06
CA VAL B 178 -10.78 -12.97 18.58
C VAL B 178 -11.52 -12.13 19.56
N LEU B 179 -12.43 -11.26 19.06
CA LEU B 179 -13.12 -10.38 19.96
C LEU B 179 -14.29 -11.09 20.56
N GLN B 180 -14.43 -11.01 21.91
CA GLN B 180 -15.61 -11.53 22.53
C GLN B 180 -15.99 -10.55 23.60
N SER B 181 -17.20 -9.97 23.49
CA SER B 181 -17.69 -9.03 24.46
C SER B 181 -16.78 -7.82 24.57
N ASP B 182 -16.28 -7.33 23.42
CA ASP B 182 -15.47 -6.13 23.33
C ASP B 182 -14.10 -6.32 23.93
N LEU B 183 -13.72 -7.56 24.28
CA LEU B 183 -12.40 -7.79 24.79
C LEU B 183 -11.79 -8.88 23.94
N TYR B 184 -10.45 -8.98 23.94
CA TYR B 184 -9.78 -9.96 23.14
C TYR B 184 -9.47 -11.18 23.94
N THR B 185 -9.57 -12.36 23.29
CA THR B 185 -9.19 -13.61 23.89
C THR B 185 -8.30 -14.32 22.93
N LEU B 186 -7.29 -15.03 23.45
CA LEU B 186 -6.32 -15.69 22.62
C LEU B 186 -5.84 -16.91 23.36
N SER B 187 -5.31 -17.90 22.61
CA SER B 187 -4.81 -19.09 23.25
C SER B 187 -3.55 -19.50 22.56
N SER B 188 -2.59 -20.06 23.32
CA SER B 188 -1.35 -20.51 22.74
C SER B 188 -1.12 -21.90 23.23
N SER B 189 -0.75 -22.82 22.30
CA SER B 189 -0.53 -24.19 22.69
C SER B 189 0.93 -24.46 22.52
N VAL B 190 1.47 -25.45 23.28
CA VAL B 190 2.86 -25.78 23.14
C VAL B 190 3.00 -27.27 23.18
N THR B 191 3.83 -27.84 22.28
CA THR B 191 3.97 -29.26 22.24
C THR B 191 5.38 -29.62 22.64
N VAL B 192 5.52 -30.61 23.54
CA VAL B 192 6.82 -31.02 24.00
C VAL B 192 6.82 -32.52 24.17
N PRO B 193 7.97 -33.12 24.07
CA PRO B 193 8.08 -34.55 24.18
C PRO B 193 7.62 -35.01 25.52
N SER B 194 6.98 -36.19 25.58
CA SER B 194 6.39 -36.69 26.79
C SER B 194 7.44 -36.84 27.84
N SER B 195 8.71 -36.95 27.42
CA SER B 195 9.81 -37.17 28.32
C SER B 195 9.98 -36.03 29.28
N THR B 196 9.93 -34.78 28.78
CA THR B 196 10.22 -33.61 29.56
C THR B 196 9.19 -33.27 30.59
N TRP B 197 7.89 -33.53 30.34
CA TRP B 197 6.91 -33.08 31.29
C TRP B 197 6.24 -34.30 31.85
N PRO B 198 5.73 -34.27 33.07
CA PRO B 198 5.77 -33.14 33.95
C PRO B 198 7.12 -32.90 34.55
N SER B 199 8.16 -33.63 34.08
CA SER B 199 9.47 -33.54 34.67
C SER B 199 9.90 -32.12 34.85
N GLU B 200 10.18 -31.38 33.77
CA GLU B 200 10.60 -30.01 33.90
C GLU B 200 9.37 -29.17 33.99
N THR B 201 9.47 -27.99 34.65
CA THR B 201 8.33 -27.14 34.79
C THR B 201 8.22 -26.27 33.57
N VAL B 202 6.98 -25.98 33.13
CA VAL B 202 6.74 -25.17 31.96
C VAL B 202 5.86 -24.02 32.36
N THR B 203 6.27 -22.79 31.96
CA THR B 203 5.49 -21.62 32.29
C THR B 203 5.26 -20.83 31.04
N CYS B 204 4.11 -20.13 30.94
CA CYS B 204 3.86 -19.31 29.79
C CYS B 204 3.86 -17.88 30.24
N ASN B 205 4.55 -17.00 29.48
CA ASN B 205 4.69 -15.63 29.89
C ASN B 205 3.90 -14.76 28.98
N VAL B 206 2.92 -14.01 29.51
CA VAL B 206 2.14 -13.14 28.69
C VAL B 206 2.46 -11.74 29.09
N ALA B 207 2.54 -10.82 28.10
CA ALA B 207 2.81 -9.44 28.40
C ALA B 207 1.85 -8.59 27.63
N HIS B 208 1.26 -7.58 28.32
CA HIS B 208 0.32 -6.71 27.67
C HIS B 208 0.85 -5.31 27.84
N PRO B 209 1.54 -4.83 26.84
CA PRO B 209 2.19 -3.55 26.93
C PRO B 209 1.27 -2.42 27.26
N ALA B 210 0.04 -2.40 26.73
CA ALA B 210 -0.82 -1.28 26.99
C ALA B 210 -1.02 -1.18 28.47
N SER B 211 -1.23 -2.34 29.14
CA SER B 211 -1.42 -2.40 30.56
C SER B 211 -0.11 -2.45 31.29
N SER B 212 1.02 -2.67 30.57
CA SER B 212 2.30 -2.74 31.22
C SER B 212 2.27 -3.86 32.24
N THR B 213 1.58 -4.96 31.93
CA THR B 213 1.52 -6.06 32.85
C THR B 213 2.12 -7.27 32.21
N LYS B 214 2.81 -8.09 33.04
CA LYS B 214 3.39 -9.31 32.57
C LYS B 214 2.98 -10.37 33.55
N VAL B 215 2.47 -11.50 33.04
CA VAL B 215 2.03 -12.53 33.93
C VAL B 215 2.78 -13.79 33.60
N ASP B 216 2.95 -14.66 34.61
CA ASP B 216 3.62 -15.91 34.42
C ASP B 216 2.73 -16.96 34.99
N LYS B 217 2.45 -18.04 34.22
CA LYS B 217 1.58 -19.07 34.73
C LYS B 217 2.27 -20.38 34.56
N LYS B 218 2.32 -21.17 35.65
CA LYS B 218 2.94 -22.47 35.63
C LYS B 218 1.82 -23.44 35.42
N ILE B 219 2.11 -24.57 34.75
CA ILE B 219 1.09 -25.55 34.49
C ILE B 219 1.37 -26.74 35.36
N VAL B 220 0.34 -27.22 36.07
CA VAL B 220 0.50 -28.36 36.91
C VAL B 220 0.14 -29.59 36.09
N ASN C 42 22.97 55.89 -21.34
CA ASN C 42 22.34 54.87 -22.17
C ASN C 42 22.78 53.48 -21.70
N GLY C 43 22.28 53.07 -20.53
CA GLY C 43 22.69 51.82 -19.92
C GLY C 43 21.98 50.58 -20.43
N ILE C 44 21.47 50.62 -21.66
CA ILE C 44 20.72 49.50 -22.21
C ILE C 44 21.70 48.48 -22.78
N PHE C 45 21.39 47.19 -22.63
CA PHE C 45 22.29 46.13 -23.09
C PHE C 45 21.50 44.87 -23.42
N ASN C 46 21.82 44.29 -24.59
CA ASN C 46 21.26 43.01 -25.01
C ASN C 46 22.35 41.95 -24.91
N THR C 47 21.95 40.72 -24.58
CA THR C 47 22.80 39.56 -24.81
C THR C 47 21.93 38.31 -24.98
N ARG C 48 22.59 37.22 -25.35
CA ARG C 48 21.93 35.95 -25.60
C ARG C 48 22.47 34.93 -24.60
N LEU C 49 21.57 34.34 -23.82
CA LEU C 49 21.94 33.51 -22.69
C LEU C 49 21.39 32.11 -22.90
N SER C 50 22.03 31.12 -22.28
CA SER C 50 21.74 29.74 -22.65
C SER C 50 21.91 28.78 -21.47
N CYS C 51 21.24 27.63 -21.59
CA CYS C 51 21.53 26.45 -20.79
C CYS C 51 21.10 25.24 -21.59
N THR C 52 21.54 24.06 -21.11
CA THR C 52 21.28 22.80 -21.78
C THR C 52 21.21 21.71 -20.72
N PHE C 53 20.31 20.76 -20.88
CA PHE C 53 20.30 19.56 -20.06
C PHE C 53 19.67 18.42 -20.83
N GLY C 54 19.95 17.21 -20.38
CA GLY C 54 19.42 16.02 -21.01
C GLY C 54 18.09 15.60 -20.39
N TYR C 55 17.36 14.78 -21.13
CA TYR C 55 16.08 14.24 -20.68
C TYR C 55 15.89 12.86 -21.26
N THR C 56 15.21 11.99 -20.52
CA THR C 56 14.94 10.63 -20.97
C THR C 56 13.45 10.38 -21.06
N VAL C 57 12.99 10.00 -22.24
CA VAL C 57 11.69 9.35 -22.43
C VAL C 57 11.94 7.86 -22.31
N LYS C 58 11.02 7.13 -21.69
CA LYS C 58 11.29 5.74 -21.33
C LYS C 58 10.80 4.75 -22.38
N ALA C 59 11.35 3.55 -22.30
CA ALA C 59 10.78 2.41 -23.01
C ALA C 59 9.48 1.99 -22.34
N THR C 60 8.47 1.64 -23.13
CA THR C 60 7.17 1.28 -22.59
C THR C 60 6.70 -0.07 -23.12
N THR C 61 5.67 -0.60 -22.46
CA THR C 61 5.13 -1.92 -22.78
C THR C 61 3.70 -1.87 -23.33
N VAL C 62 3.02 -0.73 -23.22
CA VAL C 62 1.62 -0.69 -23.63
C VAL C 62 1.51 -0.54 -25.15
N ARG C 63 0.78 -1.45 -25.77
CA ARG C 63 0.71 -1.54 -27.22
C ARG C 63 -0.18 -0.48 -27.85
N THR C 64 -1.13 0.05 -27.09
CA THR C 64 -1.89 1.18 -27.58
C THR C 64 -1.00 2.43 -27.52
N PRO C 65 -1.21 3.40 -28.41
CA PRO C 65 -0.46 4.66 -28.32
C PRO C 65 -0.78 5.40 -27.04
N SER C 66 0.27 5.75 -26.30
CA SER C 66 0.12 6.46 -25.04
C SER C 66 1.10 7.62 -25.03
N TRP C 67 0.84 8.59 -24.15
CA TRP C 67 1.56 9.85 -24.20
C TRP C 67 2.15 10.24 -22.85
N ALA C 68 3.37 10.77 -22.90
CA ALA C 68 4.04 11.30 -21.73
C ALA C 68 3.96 12.83 -21.73
N VAL C 69 3.28 13.38 -20.75
CA VAL C 69 3.13 14.82 -20.57
C VAL C 69 4.24 15.30 -19.66
N ASP C 70 4.86 16.41 -20.02
CA ASP C 70 5.78 17.08 -19.12
C ASP C 70 5.58 18.58 -19.29
N MET C 71 6.26 19.36 -18.44
CA MET C 71 6.14 20.81 -18.45
C MET C 71 7.52 21.43 -18.29
N MET C 72 7.58 22.75 -18.50
CA MET C 72 8.84 23.46 -18.53
C MET C 72 8.68 24.83 -17.87
N ARG C 73 9.25 24.98 -16.68
CA ARG C 73 9.36 26.27 -16.03
C ARG C 73 10.80 26.75 -16.16
N PHE C 74 10.99 28.07 -16.05
CA PHE C 74 12.26 28.69 -16.40
C PHE C 74 12.63 29.76 -15.40
N ASN C 75 13.69 29.51 -14.63
CA ASN C 75 14.23 30.47 -13.70
C ASN C 75 15.62 30.89 -14.16
N ILE C 76 15.92 32.18 -13.98
CA ILE C 76 17.20 32.71 -14.41
C ILE C 76 18.28 32.40 -13.38
N ASN C 77 17.87 31.98 -12.16
CA ASN C 77 18.83 31.58 -11.15
C ASN C 77 19.61 30.35 -11.60
N ASP C 78 18.99 29.53 -12.44
CA ASP C 78 19.69 28.47 -13.12
C ASP C 78 20.77 29.02 -14.03
N PHE C 79 20.45 30.10 -14.72
CA PHE C 79 21.32 30.65 -15.74
C PHE C 79 22.45 31.49 -15.20
N VAL C 80 22.43 31.85 -13.92
CA VAL C 80 23.39 32.82 -13.42
C VAL C 80 24.35 32.13 -12.45
N PRO C 81 25.62 32.52 -12.45
CA PRO C 81 26.46 32.22 -11.29
C PRO C 81 26.42 33.37 -10.31
N PRO C 82 26.47 33.08 -9.01
CA PRO C 82 26.56 34.16 -8.02
C PRO C 82 27.94 34.78 -8.01
N GLY C 83 27.98 36.10 -8.09
CA GLY C 83 29.22 36.83 -7.98
C GLY C 83 29.69 36.90 -6.55
N GLY C 84 30.89 37.44 -6.39
CA GLY C 84 31.53 37.46 -5.08
C GLY C 84 31.93 38.86 -4.70
N GLY C 85 32.31 39.00 -3.44
CA GLY C 85 32.66 40.31 -2.92
C GLY C 85 31.41 41.16 -2.77
N THR C 86 31.55 42.42 -3.15
CA THR C 86 30.43 43.34 -3.02
C THR C 86 29.36 43.06 -4.06
N ASN C 87 29.78 42.71 -5.27
CA ASN C 87 28.83 42.35 -6.32
C ASN C 87 28.37 40.91 -6.09
N LYS C 88 27.11 40.76 -5.69
CA LYS C 88 26.59 39.46 -5.31
C LYS C 88 26.36 38.58 -6.53
N ILE C 89 26.11 39.20 -7.66
CA ILE C 89 25.79 38.49 -8.90
C ILE C 89 26.90 38.80 -9.88
N SER C 90 27.36 37.75 -10.57
CA SER C 90 28.48 37.81 -11.50
C SER C 90 28.26 38.77 -12.64
N ILE C 91 27.02 39.07 -13.00
CA ILE C 91 26.71 39.97 -14.10
C ILE C 91 26.34 41.33 -13.51
N PRO C 92 27.10 42.37 -13.77
CA PRO C 92 26.76 43.70 -13.23
C PRO C 92 25.63 44.38 -13.98
N PHE C 93 24.40 44.10 -13.55
CA PHE C 93 23.22 44.87 -13.91
C PHE C 93 22.23 44.88 -12.76
N GLU C 94 21.39 45.89 -12.72
CA GLU C 94 20.26 45.86 -11.80
C GLU C 94 19.03 45.25 -12.43
N TYR C 95 18.88 45.40 -13.75
CA TYR C 95 17.61 45.14 -14.39
C TYR C 95 17.82 44.12 -15.49
N TYR C 96 16.73 43.45 -15.85
CA TYR C 96 16.74 42.51 -16.94
C TYR C 96 15.32 42.35 -17.45
N ARG C 97 15.22 42.05 -18.74
CA ARG C 97 13.98 41.58 -19.31
C ARG C 97 14.33 40.66 -20.47
N ILE C 98 13.77 39.47 -20.47
CA ILE C 98 14.15 38.45 -21.43
C ILE C 98 13.35 38.68 -22.69
N ARG C 99 14.04 39.04 -23.78
CA ARG C 99 13.34 39.30 -25.02
C ARG C 99 12.78 38.02 -25.63
N LYS C 100 13.63 37.02 -25.84
CA LYS C 100 13.20 35.81 -26.52
C LYS C 100 13.67 34.60 -25.73
N VAL C 101 13.02 33.46 -25.99
CA VAL C 101 13.49 32.16 -25.50
C VAL C 101 13.47 31.17 -26.67
N LYS C 102 14.64 30.57 -26.93
CA LYS C 102 14.81 29.58 -27.98
C LYS C 102 15.14 28.25 -27.33
N VAL C 103 14.28 27.26 -27.49
CA VAL C 103 14.42 25.99 -26.78
C VAL C 103 14.75 24.90 -27.77
N GLU C 104 15.91 24.28 -27.62
CA GLU C 104 16.47 23.37 -28.62
C GLU C 104 16.34 21.94 -28.14
N PHE C 105 16.46 20.99 -29.08
CA PHE C 105 16.18 19.58 -28.80
C PHE C 105 17.15 18.71 -29.56
N TRP C 106 18.23 18.31 -28.91
CA TRP C 106 19.21 17.46 -29.55
C TRP C 106 19.02 16.03 -29.08
N PRO C 107 18.58 15.13 -29.95
CA PRO C 107 18.40 13.74 -29.52
C PRO C 107 19.72 13.00 -29.40
N CYS C 108 19.76 12.11 -28.42
CA CYS C 108 20.75 11.04 -28.42
C CYS C 108 20.28 9.86 -29.25
N SER C 109 19.03 9.90 -29.69
CA SER C 109 18.34 8.86 -30.41
C SER C 109 18.95 8.70 -31.81
N PRO C 110 19.34 7.48 -32.20
CA PRO C 110 19.87 7.27 -33.55
C PRO C 110 18.79 7.40 -34.59
N ILE C 111 19.24 7.69 -35.82
CA ILE C 111 18.36 7.60 -36.97
C ILE C 111 17.97 6.17 -37.29
N THR C 112 18.80 5.21 -36.88
CA THR C 112 18.56 3.78 -37.12
C THR C 112 17.52 3.20 -36.19
N GLN C 113 17.04 3.98 -35.23
CA GLN C 113 16.08 3.50 -34.25
C GLN C 113 14.71 3.29 -34.89
N GLY C 114 14.12 2.12 -34.63
CA GLY C 114 12.77 1.83 -35.04
C GLY C 114 11.76 2.34 -34.03
N ASP C 115 10.51 1.88 -34.21
CA ASP C 115 9.36 2.18 -33.34
C ASP C 115 9.15 3.69 -33.24
N ARG C 116 9.10 4.32 -34.41
CA ARG C 116 9.20 5.77 -34.47
C ARG C 116 7.87 6.42 -34.11
N GLY C 117 7.96 7.60 -33.50
CA GLY C 117 6.76 8.27 -33.06
C GLY C 117 6.67 9.72 -33.52
N VAL C 118 5.86 10.50 -32.82
CA VAL C 118 5.66 11.92 -33.10
C VAL C 118 5.02 12.54 -31.86
N GLY C 119 5.39 13.79 -31.57
CA GLY C 119 4.82 14.52 -30.47
C GLY C 119 4.25 15.86 -30.89
N SER C 120 3.90 16.65 -29.87
CA SER C 120 3.36 17.98 -30.08
C SER C 120 4.11 18.94 -29.17
N THR C 121 4.12 20.22 -29.53
CA THR C 121 4.84 21.21 -28.76
C THR C 121 3.98 22.47 -28.69
N ALA C 122 3.28 22.65 -27.58
CA ALA C 122 2.35 23.75 -27.42
C ALA C 122 2.73 24.61 -26.23
N VAL C 123 2.83 25.92 -26.48
CA VAL C 123 3.41 26.88 -25.56
C VAL C 123 2.43 27.18 -24.43
N ILE C 124 2.91 27.09 -23.19
CA ILE C 124 2.13 27.43 -22.01
C ILE C 124 2.71 28.72 -21.43
N LEU C 125 1.83 29.68 -21.12
CA LEU C 125 2.28 30.94 -20.57
C LEU C 125 1.49 31.43 -19.37
N ASP C 126 0.93 30.53 -18.57
CA ASP C 126 0.07 30.94 -17.48
C ASP C 126 0.17 30.08 -16.23
N ASP C 127 1.09 29.11 -16.21
CA ASP C 127 1.38 28.16 -15.13
C ASP C 127 0.23 27.17 -14.89
N ASN C 128 -0.83 27.27 -15.66
CA ASN C 128 -1.88 26.26 -15.64
C ASN C 128 -1.42 25.17 -16.60
N PHE C 129 -0.99 24.05 -16.05
CA PHE C 129 -0.41 23.00 -16.87
C PHE C 129 -1.32 21.80 -16.98
N VAL C 130 -1.19 21.10 -18.11
CA VAL C 130 -1.62 19.72 -18.19
C VAL C 130 -0.81 18.94 -17.18
N THR C 131 -1.48 18.06 -16.45
CA THR C 131 -0.84 17.28 -15.39
C THR C 131 0.20 16.33 -16.00
N LYS C 132 1.40 16.35 -15.41
CA LYS C 132 2.50 15.52 -15.87
C LYS C 132 2.17 14.04 -15.71
N ALA C 133 2.11 13.33 -16.83
CA ALA C 133 1.65 11.96 -16.83
C ALA C 133 2.60 11.10 -17.64
N THR C 134 2.63 9.82 -17.29
CA THR C 134 3.52 8.88 -17.97
C THR C 134 2.90 8.36 -19.26
N ALA C 135 1.68 7.84 -19.17
CA ALA C 135 1.03 7.21 -20.31
C ALA C 135 -0.40 7.71 -20.38
N LEU C 136 -0.61 8.83 -21.04
CA LEU C 136 -1.95 9.35 -21.23
C LEU C 136 -2.55 8.67 -22.44
N THR C 137 -3.83 8.33 -22.34
CA THR C 137 -4.58 7.66 -23.39
C THR C 137 -4.61 8.49 -24.67
N TYR C 138 -4.53 9.81 -24.56
CA TYR C 138 -4.63 10.70 -25.70
C TYR C 138 -3.53 11.75 -25.67
N ASP C 139 -3.59 12.67 -26.63
CA ASP C 139 -2.70 13.82 -26.66
C ASP C 139 -3.48 15.07 -26.33
N PRO C 140 -3.24 15.71 -25.19
CA PRO C 140 -3.98 16.93 -24.86
C PRO C 140 -3.48 18.15 -25.61
N TYR C 141 -2.33 18.05 -26.24
CA TYR C 141 -1.66 19.17 -26.88
C TYR C 141 -2.03 19.33 -28.35
N VAL C 142 -3.01 18.59 -28.83
CA VAL C 142 -3.20 18.49 -30.27
C VAL C 142 -4.00 19.68 -30.79
N ASN C 143 -4.89 20.24 -29.98
CA ASN C 143 -5.75 21.32 -30.45
C ASN C 143 -5.47 22.65 -29.79
N TYR C 144 -4.24 22.89 -29.33
CA TYR C 144 -3.87 24.24 -28.97
C TYR C 144 -3.53 25.05 -30.21
N SER C 145 -3.60 26.38 -30.07
CA SER C 145 -3.14 27.27 -31.13
C SER C 145 -1.63 27.28 -31.24
N SER C 146 -0.92 26.95 -30.16
CA SER C 146 0.52 27.03 -30.12
C SER C 146 1.21 25.71 -30.40
N ARG C 147 0.46 24.70 -30.86
CA ARG C 147 1.05 23.40 -31.09
C ARG C 147 1.96 23.42 -32.31
N HIS C 148 3.22 23.10 -32.11
CA HIS C 148 4.07 22.65 -33.22
C HIS C 148 4.33 21.17 -33.07
N THR C 149 4.58 20.52 -34.19
CA THR C 149 4.71 19.08 -34.24
C THR C 149 6.17 18.68 -34.13
N ILE C 150 6.46 17.73 -33.24
CA ILE C 150 7.81 17.19 -33.12
C ILE C 150 7.76 15.70 -33.43
N PRO C 151 8.52 15.22 -34.41
CA PRO C 151 8.57 13.78 -34.64
C PRO C 151 9.54 13.12 -33.69
N GLN C 152 9.40 11.81 -33.54
CA GLN C 152 10.17 11.00 -32.60
C GLN C 152 10.75 9.85 -33.40
N PRO C 153 11.89 9.29 -32.97
CA PRO C 153 12.76 9.57 -31.83
C PRO C 153 13.89 10.55 -32.08
N PHE C 154 14.37 10.63 -33.32
CA PHE C 154 15.63 11.28 -33.61
C PHE C 154 15.46 12.65 -34.25
N SER C 155 14.24 13.15 -34.34
CA SER C 155 14.01 14.37 -35.11
C SER C 155 14.38 15.60 -34.30
N TYR C 156 15.04 16.53 -34.97
CA TYR C 156 15.48 17.76 -34.34
C TYR C 156 14.33 18.74 -34.24
N HIS C 157 14.27 19.46 -33.12
CA HIS C 157 13.18 20.40 -32.91
C HIS C 157 13.74 21.64 -32.22
N SER C 158 13.02 22.76 -32.40
CA SER C 158 13.33 24.00 -31.74
C SER C 158 12.09 24.87 -31.71
N ARG C 159 11.98 25.71 -30.68
CA ARG C 159 10.92 26.71 -30.60
C ARG C 159 11.51 28.06 -30.24
N TYR C 160 11.23 29.06 -31.07
CA TYR C 160 11.86 30.38 -31.02
C TYR C 160 10.76 31.37 -30.62
N PHE C 161 10.71 31.72 -29.34
CA PHE C 161 9.52 32.37 -28.81
C PHE C 161 9.90 33.30 -27.68
N THR C 162 8.88 33.86 -27.05
CA THR C 162 9.00 34.91 -26.03
C THR C 162 8.53 34.37 -24.69
N PRO C 163 9.24 34.61 -23.60
CA PRO C 163 8.79 34.08 -22.30
C PRO C 163 7.72 34.95 -21.65
N LYS C 164 7.12 34.38 -20.60
CA LYS C 164 6.27 35.09 -19.66
C LYS C 164 6.58 34.60 -18.25
N PRO C 165 6.87 35.52 -17.33
CA PRO C 165 7.09 35.10 -15.94
C PRO C 165 5.78 34.83 -15.23
N VAL C 166 5.90 34.60 -13.91
CA VAL C 166 4.74 34.30 -13.08
C VAL C 166 4.63 35.42 -12.04
N LEU C 167 3.81 36.43 -12.33
CA LEU C 167 3.73 37.57 -11.44
C LEU C 167 2.93 37.24 -10.19
N ASP C 168 1.65 36.89 -10.36
CA ASP C 168 0.81 36.46 -9.24
C ASP C 168 0.12 35.17 -9.63
N SER C 169 0.33 34.14 -8.81
CA SER C 169 -0.21 32.81 -9.08
C SER C 169 -1.74 32.77 -9.02
N THR C 170 -2.36 33.66 -8.25
CA THR C 170 -3.81 33.65 -8.16
C THR C 170 -4.44 34.23 -9.42
N ILE C 171 -3.82 35.24 -10.01
CA ILE C 171 -4.45 35.93 -11.12
C ILE C 171 -3.93 35.42 -12.46
N ASP C 172 -2.60 35.30 -12.58
CA ASP C 172 -1.89 34.87 -13.79
C ASP C 172 -2.21 35.81 -14.97
N TYR C 173 -1.69 37.02 -14.82
CA TYR C 173 -1.92 38.13 -15.73
C TYR C 173 -0.61 38.49 -16.43
N PHE C 174 -0.71 38.91 -17.69
CA PHE C 174 0.49 39.09 -18.49
C PHE C 174 0.21 39.96 -19.71
N GLN C 175 1.31 40.47 -20.32
CA GLN C 175 1.32 41.43 -21.41
C GLN C 175 0.88 40.78 -22.73
N PRO C 176 0.54 41.61 -23.72
CA PRO C 176 0.60 41.14 -25.11
C PRO C 176 2.04 41.11 -25.65
N ASN C 177 2.19 40.78 -26.93
CA ASN C 177 3.49 40.78 -27.58
C ASN C 177 3.92 42.22 -27.81
N ASN C 178 4.74 42.76 -26.91
CA ASN C 178 5.21 44.14 -27.04
C ASN C 178 6.64 44.26 -26.53
N LYS C 179 7.55 44.54 -27.46
CA LYS C 179 8.92 44.91 -27.11
C LYS C 179 8.97 46.26 -26.41
N ARG C 180 8.16 47.21 -26.87
CA ARG C 180 8.33 48.60 -26.45
C ARG C 180 7.90 48.80 -25.01
N ASN C 181 6.77 48.21 -24.63
CA ASN C 181 6.30 48.28 -23.26
C ASN C 181 6.58 47.00 -22.50
N GLN C 182 7.64 46.30 -22.87
CA GLN C 182 8.17 45.21 -22.09
C GLN C 182 8.66 45.75 -20.76
N LEU C 183 8.06 45.29 -19.67
CA LEU C 183 8.46 45.79 -18.35
C LEU C 183 9.81 45.25 -17.92
N TRP C 184 10.36 45.87 -16.89
CA TRP C 184 11.66 45.51 -16.37
C TRP C 184 11.53 44.72 -15.08
N LEU C 185 12.55 43.92 -14.81
CA LEU C 185 12.61 43.07 -13.63
C LEU C 185 13.92 43.35 -12.92
N ARG C 186 13.86 43.49 -11.61
CA ARG C 186 15.08 43.66 -10.85
C ARG C 186 15.88 42.37 -10.82
N LEU C 187 17.15 42.48 -11.19
CA LEU C 187 18.09 41.39 -11.02
C LEU C 187 18.29 41.17 -9.52
N GLN C 188 17.92 39.98 -9.06
CA GLN C 188 17.95 39.65 -7.65
C GLN C 188 19.05 38.63 -7.37
N THR C 189 19.17 38.26 -6.10
CA THR C 189 20.16 37.26 -5.73
C THR C 189 19.68 35.86 -6.08
N SER C 190 18.58 35.43 -5.47
CA SER C 190 18.12 34.07 -5.63
C SER C 190 16.60 33.96 -5.76
N ALA C 191 15.86 35.02 -5.47
CA ALA C 191 14.41 34.96 -5.45
C ALA C 191 13.80 35.24 -6.81
N ASN C 192 14.51 34.92 -7.89
CA ASN C 192 14.07 35.29 -9.23
C ASN C 192 12.88 34.45 -9.67
N VAL C 193 12.05 35.05 -10.51
CA VAL C 193 10.75 34.48 -10.86
C VAL C 193 10.93 33.35 -11.88
N ASP C 194 10.08 32.34 -11.77
CA ASP C 194 9.95 31.35 -12.83
C ASP C 194 9.25 31.97 -14.01
N HIS C 195 9.67 31.57 -15.20
CA HIS C 195 8.97 31.92 -16.42
C HIS C 195 8.29 30.67 -16.95
N VAL C 196 6.97 30.72 -17.02
CA VAL C 196 6.18 29.64 -17.58
C VAL C 196 6.33 29.68 -19.09
N GLY C 197 6.95 28.64 -19.66
CA GLY C 197 7.30 28.68 -21.06
C GLY C 197 6.67 27.68 -22.00
N LEU C 198 6.48 26.43 -21.57
CA LEU C 198 6.16 25.38 -22.53
C LEU C 198 5.61 24.14 -21.84
N GLY C 199 4.57 23.57 -22.44
CA GLY C 199 4.11 22.24 -22.12
C GLY C 199 4.43 21.33 -23.29
N ILE C 200 4.81 20.10 -22.98
CA ILE C 200 5.34 19.17 -23.97
C ILE C 200 4.66 17.82 -23.85
N ALA C 201 4.66 17.09 -24.96
CA ALA C 201 4.02 15.78 -25.05
C ALA C 201 5.02 14.81 -25.65
N PHE C 202 4.90 13.53 -25.28
CA PHE C 202 5.77 12.49 -25.78
C PHE C 202 4.97 11.21 -25.97
N GLU C 203 4.73 10.85 -27.22
CA GLU C 203 4.16 9.55 -27.53
C GLU C 203 5.12 8.45 -27.11
N ASN C 204 4.60 7.52 -26.33
CA ASN C 204 5.46 6.55 -25.68
C ASN C 204 5.86 5.44 -26.63
N SER C 205 7.04 4.86 -26.38
CA SER C 205 7.63 3.87 -27.26
C SER C 205 8.24 2.74 -26.44
N THR C 206 8.57 1.65 -27.13
CA THR C 206 9.22 0.51 -26.50
C THR C 206 10.71 0.70 -26.35
N TYR C 207 11.23 1.87 -26.68
CA TYR C 207 12.65 2.17 -26.54
C TYR C 207 12.76 3.47 -25.75
N ASP C 208 13.96 3.72 -25.24
CA ASP C 208 14.19 4.97 -24.54
C ASP C 208 14.54 6.07 -25.53
N GLN C 209 13.97 7.25 -25.32
CA GLN C 209 14.25 8.41 -26.18
C GLN C 209 14.93 9.48 -25.33
N ASP C 210 16.11 9.90 -25.76
CA ASP C 210 16.97 10.76 -24.94
C ASP C 210 17.28 12.05 -25.70
N TYR C 211 17.14 13.18 -25.02
CA TYR C 211 17.17 14.48 -25.68
C TYR C 211 18.01 15.47 -24.90
N ASN C 212 19.07 15.94 -25.53
CA ASN C 212 19.87 17.03 -25.01
C ASN C 212 19.12 18.31 -25.30
N ILE C 213 18.42 18.82 -24.30
CA ILE C 213 17.49 19.92 -24.50
C ILE C 213 18.17 21.19 -24.06
N ARG C 214 18.55 22.00 -25.04
CA ARG C 214 19.12 23.31 -24.81
C ARG C 214 17.99 24.33 -24.72
N VAL C 215 18.16 25.32 -23.85
CA VAL C 215 17.27 26.47 -23.78
C VAL C 215 18.13 27.71 -23.92
N THR C 216 17.79 28.55 -24.88
CA THR C 216 18.58 29.74 -25.20
C THR C 216 17.67 30.95 -25.01
N MET C 217 18.16 31.99 -24.35
CA MET C 217 17.37 33.19 -24.12
C MET C 217 18.11 34.43 -24.61
N TYR C 218 17.43 35.24 -25.42
CA TYR C 218 17.87 36.61 -25.69
C TYR C 218 17.34 37.46 -24.54
N VAL C 219 18.25 38.01 -23.73
CA VAL C 219 17.84 38.78 -22.56
C VAL C 219 18.39 40.20 -22.65
N GLN C 220 17.51 41.16 -22.45
CA GLN C 220 17.81 42.59 -22.45
C GLN C 220 18.11 43.01 -21.02
N PHE C 221 18.99 44.01 -20.86
CA PHE C 221 19.48 44.42 -19.56
C PHE C 221 19.48 45.93 -19.38
N ARG C 222 19.60 46.35 -18.13
CA ARG C 222 19.58 47.77 -17.79
C ARG C 222 20.21 47.96 -16.41
N GLU C 223 20.78 49.15 -16.22
CA GLU C 223 21.39 49.63 -14.98
C GLU C 223 22.54 48.74 -14.50
N PHE C 224 23.61 48.75 -15.27
CA PHE C 224 24.95 48.38 -14.83
C PHE C 224 25.25 48.96 -13.45
N ASN C 225 25.62 48.10 -12.51
CA ASN C 225 25.67 48.45 -11.10
C ASN C 225 26.96 48.05 -10.41
N LEU C 226 28.11 48.33 -11.00
CA LEU C 226 29.35 47.71 -10.54
C LEU C 226 29.82 48.28 -9.21
N LYS C 227 30.39 47.42 -8.38
CA LYS C 227 31.06 47.81 -7.16
C LYS C 227 32.53 47.50 -7.22
N ASP C 228 33.34 48.50 -6.89
CA ASP C 228 34.80 48.35 -6.84
C ASP C 228 35.27 48.81 -5.47
N PRO C 229 35.42 47.90 -4.52
CA PRO C 229 36.11 48.23 -3.28
C PRO C 229 37.59 48.47 -3.56
N PRO C 230 38.26 49.27 -2.72
CA PRO C 230 39.64 49.64 -3.03
C PRO C 230 40.63 48.52 -2.78
N LEU C 231 41.90 48.82 -3.06
CA LEU C 231 43.05 47.92 -2.89
C LEU C 231 42.86 46.61 -3.65
#